data_4ZH7
#
_entry.id   4ZH7
#
_cell.length_a   60.590
_cell.length_b   91.770
_cell.length_c   96.420
_cell.angle_alpha   90.00
_cell.angle_beta   90.00
_cell.angle_gamma   90.00
#
_symmetry.space_group_name_H-M   'P 21 21 21'
#
loop_
_entity.id
_entity.type
_entity.pdbx_description
1 polymer 'Outer membrane protein-adhesin'
2 branched alpha-L-fucopyranose-(1-2)-beta-D-galactopyranose-(1-3)-[alpha-L-fucopyranose-(1-4)]2-acetamido-2-deoxy-beta-D-glucopyranose-(1-3)-beta-D-galactopyranose
3 water water
#
_entity_poly.entity_id   1
_entity_poly.type   'polypeptide(L)'
_entity_poly.pdbx_seq_one_letter_code
;GYQIGEAAQMVTNTKGIQDLSDRYESLNNLLNRYSTLNTLIKLSADPSAINAVRENLGASAKNLIGDKANSPAYQAVLLA
INAAVGFWNVVGYVTQCGGNANGQKSISSKTIFNNEPGYRSTSITCSLNGHSPGYYGPMSIENFKKLNEAYQILQTALKR
GLPALKENNGKVNVTYTYTCSGDGNNNCSSQVTGVNNQKDGTKTKIQTIDGKSVTTTISSKVVDSRADGNTTGVSYTEIT
NKLEGVPDSAQALLAQASTLINTINNACPYFHASNSSEANAPKFSTTTGKICGAFSEEISAIQKMITDAQELVNQTSVIN
EHEQTTPVGNNNGKPFNPFTDASFAQGMLANASAQAKMLNLAEQVGQAINPERLSGTFQNFVKGFLATCNNPSTAGTGGT
QGSAPGTVTTQTFASGCAYVGQTITNLKNSIAHFGTQEQQIQQAENIADTLVNFKSRYSELGNTYNSITTALSNIPNAQS
LQNAVSKKNNPYSPQGIDTNYYLNQNSYNQIQTINQELKKKKKKGSEQKLISEEDLSHHHHHH
;
_entity_poly.pdbx_strand_id   A
#
loop_
_chem_comp.id
_chem_comp.type
_chem_comp.name
_chem_comp.formula
FUC L-saccharide, alpha linking alpha-L-fucopyranose 'C6 H12 O5'
GAL D-saccharide, beta linking beta-D-galactopyranose 'C6 H12 O6'
NAG D-saccharide, beta linking 2-acetamido-2-deoxy-beta-D-glucopyranose 'C8 H15 N O6'
#
# COMPACT_ATOMS: atom_id res chain seq x y z
N GLN A 18 -16.13 -42.63 -11.12
CA GLN A 18 -17.11 -43.18 -12.10
C GLN A 18 -17.83 -42.00 -12.78
N ASP A 19 -18.43 -42.29 -13.93
CA ASP A 19 -19.38 -41.40 -14.57
C ASP A 19 -20.41 -40.83 -13.59
N LEU A 20 -21.04 -41.71 -12.80
CA LEU A 20 -22.16 -41.29 -11.95
C LEU A 20 -21.77 -40.34 -10.77
N SER A 21 -20.56 -40.50 -10.23
CA SER A 21 -20.09 -39.57 -9.24
C SER A 21 -20.04 -38.16 -9.82
N ASP A 22 -19.63 -38.04 -11.08
CA ASP A 22 -19.51 -36.73 -11.71
C ASP A 22 -20.87 -36.09 -11.87
N ARG A 23 -21.88 -36.88 -12.23
CA ARG A 23 -23.25 -36.40 -12.32
C ARG A 23 -23.83 -35.93 -10.98
N TYR A 24 -23.47 -36.59 -9.89
CA TYR A 24 -23.98 -36.22 -8.57
C TYR A 24 -23.21 -35.04 -8.02
N GLU A 25 -21.93 -34.97 -8.30
CA GLU A 25 -21.12 -33.84 -7.87
C GLU A 25 -21.58 -32.53 -8.57
N SER A 26 -21.80 -32.61 -9.88
CA SER A 26 -22.21 -31.49 -10.68
C SER A 26 -23.57 -30.99 -10.19
N LEU A 27 -24.51 -31.92 -10.02
CA LEU A 27 -25.86 -31.61 -9.51
C LEU A 27 -25.91 -31.00 -8.06
N ASN A 28 -25.09 -31.53 -7.16
CA ASN A 28 -24.95 -30.97 -5.80
C ASN A 28 -24.46 -29.55 -5.84
N ASN A 29 -23.42 -29.32 -6.63
CA ASN A 29 -22.89 -28.00 -6.82
C ASN A 29 -23.93 -27.04 -7.40
N LEU A 30 -24.63 -27.45 -8.47
CA LEU A 30 -25.68 -26.60 -9.05
C LEU A 30 -26.84 -26.30 -8.02
N LEU A 31 -27.27 -27.30 -7.26
CA LEU A 31 -28.22 -27.08 -6.16
C LEU A 31 -27.67 -26.08 -5.12
N ASN A 32 -26.38 -26.13 -4.80
CA ASN A 32 -25.81 -25.14 -3.90
C ASN A 32 -25.90 -23.73 -4.52
N ARG A 33 -25.38 -23.59 -5.74
CA ARG A 33 -25.51 -22.37 -6.48
C ARG A 33 -26.96 -21.81 -6.61
N TYR A 34 -27.89 -22.64 -7.02
CA TYR A 34 -29.28 -22.26 -7.07
C TYR A 34 -29.81 -21.72 -5.76
N SER A 35 -29.53 -22.43 -4.69
CA SER A 35 -30.01 -21.99 -3.38
C SER A 35 -29.41 -20.61 -2.97
N THR A 36 -28.13 -20.38 -3.28
CA THR A 36 -27.46 -19.16 -2.94
C THR A 36 -27.96 -18.02 -3.78
N LEU A 37 -28.13 -18.27 -5.07
CA LEU A 37 -28.72 -17.25 -5.94
C LEU A 37 -30.15 -16.88 -5.52
N ASN A 38 -30.94 -17.88 -5.17
CA ASN A 38 -32.31 -17.68 -4.67
C ASN A 38 -32.31 -16.76 -3.44
N THR A 39 -31.38 -17.05 -2.52
CA THR A 39 -31.20 -16.20 -1.37
C THR A 39 -30.75 -14.78 -1.73
N LEU A 40 -29.92 -14.65 -2.76
CA LEU A 40 -29.45 -13.32 -3.17
C LEU A 40 -30.57 -12.49 -3.72
N ILE A 41 -31.45 -13.13 -4.50
CA ILE A 41 -32.62 -12.48 -5.02
C ILE A 41 -33.55 -11.97 -3.88
N LYS A 42 -33.80 -12.84 -2.92
CA LYS A 42 -34.65 -12.51 -1.77
C LYS A 42 -34.01 -11.41 -0.95
N LEU A 43 -32.70 -11.49 -0.69
CA LEU A 43 -32.06 -10.44 0.11
C LEU A 43 -32.19 -9.09 -0.61
N SER A 44 -32.05 -9.13 -1.93
CA SER A 44 -32.05 -7.93 -2.77
C SER A 44 -33.43 -7.29 -2.89
N ALA A 45 -34.48 -8.00 -2.48
CA ALA A 45 -35.84 -7.48 -2.49
C ALA A 45 -36.29 -7.07 -1.08
N ASP A 46 -35.39 -7.10 -0.08
CA ASP A 46 -35.80 -6.80 1.31
C ASP A 46 -34.98 -5.63 1.85
N PRO A 47 -35.58 -4.43 1.91
CA PRO A 47 -34.78 -3.28 2.41
C PRO A 47 -34.16 -3.42 3.79
N SER A 48 -34.77 -4.14 4.70
CA SER A 48 -34.19 -4.30 6.05
C SER A 48 -32.85 -5.12 5.99
N ALA A 49 -32.76 -6.08 5.08
CA ALA A 49 -31.51 -6.81 4.84
C ALA A 49 -30.50 -5.94 4.08
N ILE A 50 -30.92 -5.30 3.02
CA ILE A 50 -30.03 -4.37 2.31
C ILE A 50 -29.43 -3.30 3.27
N ASN A 51 -30.26 -2.71 4.12
CA ASN A 51 -29.78 -1.71 5.11
C ASN A 51 -28.75 -2.19 6.15
N ALA A 52 -28.94 -3.38 6.68
CA ALA A 52 -27.94 -3.98 7.56
C ALA A 52 -26.60 -4.20 6.83
N VAL A 53 -26.61 -4.63 5.58
CA VAL A 53 -25.38 -4.87 4.79
C VAL A 53 -24.74 -3.55 4.46
N ARG A 54 -25.55 -2.56 4.08
CA ARG A 54 -25.00 -1.19 3.93
C ARG A 54 -24.36 -0.64 5.18
N GLU A 55 -25.05 -0.78 6.30
CA GLU A 55 -24.44 -0.33 7.53
C GLU A 55 -23.08 -1.03 7.80
N ASN A 56 -22.98 -2.34 7.54
CA ASN A 56 -21.76 -3.07 7.79
C ASN A 56 -20.68 -2.60 6.84
N LEU A 57 -21.09 -2.24 5.62
CA LEU A 57 -20.14 -1.74 4.68
C LEU A 57 -19.58 -0.38 5.05
N GLY A 58 -20.41 0.49 5.58
CA GLY A 58 -19.88 1.82 6.01
C GLY A 58 -18.97 1.65 7.21
N ALA A 59 -19.31 0.70 8.08
CA ALA A 59 -18.46 0.44 9.25
C ALA A 59 -17.11 -0.16 8.81
N SER A 60 -17.05 -0.99 7.76
CA SER A 60 -15.72 -1.48 7.40
C SER A 60 -14.88 -0.38 6.75
N ALA A 61 -15.53 0.48 5.98
CA ALA A 61 -14.87 1.62 5.41
C ALA A 61 -14.21 2.45 6.49
N LYS A 62 -14.96 2.72 7.55
CA LYS A 62 -14.42 3.45 8.72
C LYS A 62 -13.25 2.79 9.26
N ASN A 63 -13.35 1.48 9.46
CA ASN A 63 -12.19 0.73 9.88
C ASN A 63 -10.98 0.88 8.94
N LEU A 64 -11.16 0.53 7.66
CA LEU A 64 -10.04 0.62 6.71
C LEU A 64 -9.35 2.02 6.73
N ILE A 65 -10.16 3.08 6.69
CA ILE A 65 -9.73 4.45 6.44
C ILE A 65 -9.52 5.26 7.71
N GLY A 66 -10.06 4.78 8.82
CA GLY A 66 -10.04 5.55 10.04
C GLY A 66 -9.15 4.95 11.06
N ASP A 67 -8.94 3.66 11.00
CA ASP A 67 -8.12 3.01 12.02
C ASP A 67 -6.64 2.89 11.59
N LYS A 68 -5.78 2.55 12.55
CA LYS A 68 -4.37 2.25 12.26
C LYS A 68 -4.01 0.83 12.47
N ALA A 69 -3.73 0.45 13.71
CA ALA A 69 -3.30 -0.92 14.01
C ALA A 69 -4.12 -2.01 13.31
N ASN A 70 -5.44 -1.81 13.27
CA ASN A 70 -6.39 -2.82 12.79
C ASN A 70 -6.76 -2.73 11.31
N SER A 71 -6.29 -1.72 10.60
CA SER A 71 -6.54 -1.57 9.16
C SER A 71 -5.45 -2.20 8.33
N PRO A 72 -5.79 -3.21 7.51
CA PRO A 72 -4.79 -3.70 6.59
C PRO A 72 -4.30 -2.63 5.61
N ALA A 73 -5.14 -1.66 5.27
CA ALA A 73 -4.75 -0.56 4.40
C ALA A 73 -3.69 0.27 5.02
N TYR A 74 -3.88 0.69 6.26
CA TYR A 74 -2.80 1.39 6.97
C TYR A 74 -1.50 0.64 7.10
N GLN A 75 -1.57 -0.65 7.45
CA GLN A 75 -0.37 -1.44 7.63
C GLN A 75 0.39 -1.65 6.32
N ALA A 76 -0.34 -1.79 5.22
CA ALA A 76 0.28 -1.96 3.89
C ALA A 76 1.01 -0.69 3.36
N VAL A 77 0.38 0.47 3.55
CA VAL A 77 1.04 1.74 3.30
C VAL A 77 2.32 1.85 4.15
N LEU A 78 2.18 1.65 5.46
CA LEU A 78 3.28 1.76 6.37
C LEU A 78 4.41 0.83 5.95
N LEU A 79 4.07 -0.36 5.52
CA LEU A 79 5.05 -1.38 5.13
C LEU A 79 5.79 -0.94 3.86
N ALA A 80 5.05 -0.40 2.91
CA ALA A 80 5.73 0.07 1.70
C ALA A 80 6.75 1.19 2.01
N ILE A 81 6.33 2.14 2.83
CA ILE A 81 7.19 3.23 3.22
C ILE A 81 8.41 2.70 4.00
N ASN A 82 8.20 1.81 4.97
CA ASN A 82 9.27 1.31 5.85
C ASN A 82 10.31 0.48 5.06
N ALA A 83 9.85 -0.31 4.09
CA ALA A 83 10.73 -1.04 3.19
C ALA A 83 11.70 -0.14 2.43
N ALA A 84 11.23 1.00 1.93
CA ALA A 84 12.09 1.93 1.24
C ALA A 84 13.09 2.62 2.12
N VAL A 85 12.65 3.16 3.25
CA VAL A 85 13.57 3.74 4.22
C VAL A 85 14.58 2.71 4.66
N GLY A 86 14.08 1.52 5.04
CA GLY A 86 14.96 0.45 5.49
C GLY A 86 15.99 0.01 4.45
N PHE A 87 15.59 -0.05 3.19
CA PHE A 87 16.54 -0.43 2.10
C PHE A 87 17.73 0.54 2.09
N TRP A 88 17.44 1.85 2.15
CA TRP A 88 18.50 2.82 2.18
C TRP A 88 19.36 2.68 3.46
N ASN A 89 18.74 2.38 4.58
CA ASN A 89 19.56 2.25 5.78
C ASN A 89 20.53 1.07 5.65
N VAL A 90 20.16 0.06 4.89
CA VAL A 90 21.03 -1.07 4.67
C VAL A 90 22.15 -0.79 3.74
N VAL A 91 21.89 -0.15 2.60
CA VAL A 91 22.93 -0.03 1.56
C VAL A 91 23.61 1.33 1.50
N GLY A 92 23.06 2.35 2.15
CA GLY A 92 23.61 3.70 2.06
C GLY A 92 25.09 3.74 2.31
N TYR A 93 25.56 3.09 3.37
CA TYR A 93 26.93 3.23 3.81
C TYR A 93 27.99 2.72 2.81
N VAL A 94 27.60 1.89 1.83
CA VAL A 94 28.52 1.42 0.79
C VAL A 94 28.40 2.18 -0.51
N THR A 95 27.41 3.07 -0.61
CA THR A 95 27.11 3.65 -1.87
C THR A 95 27.97 4.88 -2.10
N GLN A 96 28.63 4.96 -3.25
CA GLN A 96 29.59 6.04 -3.47
C GLN A 96 28.89 7.25 -4.00
N CYS A 97 29.35 8.40 -3.54
CA CYS A 97 28.83 9.66 -3.97
C CYS A 97 29.94 10.68 -3.98
N GLY A 98 29.79 11.76 -4.76
CA GLY A 98 30.82 12.75 -4.77
C GLY A 98 30.70 13.67 -5.92
N GLY A 99 31.71 14.53 -6.12
CA GLY A 99 31.67 15.43 -7.23
C GLY A 99 31.25 16.84 -6.85
N ASN A 100 31.08 17.66 -7.87
CA ASN A 100 30.67 19.08 -7.73
C ASN A 100 29.29 19.27 -8.39
N ALA A 101 28.76 20.50 -8.38
CA ALA A 101 27.40 20.72 -8.87
C ALA A 101 27.31 20.37 -10.30
N ASN A 102 26.06 20.18 -10.74
CA ASN A 102 25.69 19.73 -12.07
C ASN A 102 26.31 18.41 -12.42
N GLY A 103 26.57 17.55 -11.43
CA GLY A 103 27.08 16.21 -11.68
C GLY A 103 28.46 16.16 -12.30
N GLN A 104 29.31 17.13 -11.96
CA GLN A 104 30.66 17.19 -12.46
C GLN A 104 31.68 16.53 -11.53
N LYS A 105 32.65 15.89 -12.17
CA LYS A 105 33.85 15.40 -11.56
C LYS A 105 34.50 16.46 -10.68
N SER A 106 35.07 16.05 -9.57
CA SER A 106 35.76 17.00 -8.73
C SER A 106 37.14 16.49 -8.37
N ILE A 107 37.97 17.41 -7.91
CA ILE A 107 39.30 17.13 -7.43
C ILE A 107 39.37 16.93 -5.91
N SER A 108 38.68 17.79 -5.14
CA SER A 108 38.71 17.71 -3.68
C SER A 108 37.48 18.32 -3.04
N SER A 109 36.34 17.67 -3.27
CA SER A 109 35.03 18.10 -2.77
C SER A 109 34.48 17.05 -1.79
N LYS A 110 34.45 17.43 -0.53
CA LYS A 110 33.90 16.60 0.56
C LYS A 110 32.55 17.25 0.97
N THR A 111 31.45 16.53 0.74
CA THR A 111 30.12 16.99 1.03
C THR A 111 29.45 15.96 1.90
N ILE A 112 29.07 16.38 3.10
CA ILE A 112 28.60 15.53 4.15
C ILE A 112 27.14 15.82 4.43
N PHE A 113 26.30 14.77 4.46
CA PHE A 113 24.86 14.91 4.76
C PHE A 113 24.61 14.35 6.14
N ASN A 114 24.10 15.18 7.03
CA ASN A 114 23.82 14.78 8.42
C ASN A 114 22.53 14.04 8.55
N ASN A 115 22.40 13.29 9.64
CA ASN A 115 21.29 12.37 9.93
C ASN A 115 21.08 11.37 8.77
N GLU A 116 22.20 10.73 8.37
CA GLU A 116 22.23 9.68 7.33
C GLU A 116 23.02 8.48 7.87
N PRO A 117 22.66 7.24 7.47
CA PRO A 117 23.21 6.02 8.04
C PRO A 117 24.57 5.68 7.48
N GLY A 118 25.57 6.48 7.85
CA GLY A 118 26.92 6.25 7.30
C GLY A 118 27.70 5.17 8.07
N TYR A 119 28.86 4.79 7.55
CA TYR A 119 29.72 3.80 8.22
C TYR A 119 30.22 4.33 9.60
N ARG A 120 29.77 3.70 10.66
CA ARG A 120 30.03 4.14 12.02
C ARG A 120 29.82 5.65 12.22
N SER A 121 28.74 6.19 11.66
CA SER A 121 28.49 7.64 11.73
C SER A 121 26.99 7.94 11.53
N THR A 122 26.55 9.10 12.01
CA THR A 122 25.23 9.61 11.71
C THR A 122 25.23 10.55 10.50
N SER A 123 26.29 10.51 9.71
CA SER A 123 26.36 11.23 8.45
C SER A 123 26.92 10.33 7.35
N ILE A 124 26.60 10.65 6.09
CA ILE A 124 27.21 10.02 4.97
C ILE A 124 28.07 11.09 4.30
N THR A 125 29.31 10.72 4.03
CA THR A 125 30.34 11.55 3.38
C THR A 125 30.43 11.22 1.88
N CYS A 126 30.14 12.19 1.02
CA CYS A 126 30.33 12.05 -0.41
C CYS A 126 31.71 12.68 -0.73
N SER A 127 32.68 11.83 -1.03
CA SER A 127 34.00 12.25 -1.19
C SER A 127 34.71 11.45 -2.26
N LEU A 128 33.99 11.01 -3.28
CA LEU A 128 34.66 10.35 -4.39
C LEU A 128 35.10 11.37 -5.43
N ASN A 129 36.40 11.68 -5.38
CA ASN A 129 37.05 12.63 -6.28
C ASN A 129 37.62 11.94 -7.50
N GLY A 130 37.82 12.67 -8.58
CA GLY A 130 38.50 12.12 -9.74
C GLY A 130 37.72 11.16 -10.63
N HIS A 131 36.40 11.11 -10.46
CA HIS A 131 35.50 10.26 -11.27
C HIS A 131 34.22 11.02 -11.52
N SER A 132 33.76 11.01 -12.76
CA SER A 132 32.55 11.68 -13.14
C SER A 132 31.33 10.97 -12.55
N PRO A 133 30.51 11.66 -11.78
CA PRO A 133 29.27 11.13 -11.31
C PRO A 133 28.46 10.49 -12.45
N GLY A 134 27.76 9.40 -12.13
CA GLY A 134 26.73 8.84 -13.03
C GLY A 134 26.54 7.34 -12.84
N TYR A 135 25.87 6.73 -13.82
CA TYR A 135 25.59 5.33 -13.82
C TYR A 135 26.86 4.49 -13.60
N TYR A 136 26.84 3.59 -12.60
CA TYR A 136 28.01 2.75 -12.27
C TYR A 136 29.20 3.62 -11.87
N GLY A 137 28.95 4.89 -11.52
CA GLY A 137 29.92 5.78 -10.88
C GLY A 137 29.37 6.37 -9.57
N PRO A 138 30.03 7.38 -9.00
CA PRO A 138 29.52 8.03 -7.78
C PRO A 138 28.17 8.69 -8.05
N MET A 139 27.28 8.66 -7.08
CA MET A 139 26.05 9.42 -7.20
C MET A 139 26.43 10.89 -7.18
N SER A 140 25.86 11.67 -8.09
CA SER A 140 26.06 13.11 -8.10
C SER A 140 25.45 13.69 -6.83
N ILE A 141 25.89 14.89 -6.47
CA ILE A 141 25.36 15.54 -5.34
C ILE A 141 23.95 16.01 -5.63
N GLU A 142 23.63 16.32 -6.89
CA GLU A 142 22.26 16.70 -7.21
C GLU A 142 21.30 15.53 -6.83
N ASN A 143 21.64 14.29 -7.22
CA ASN A 143 20.83 13.12 -6.82
C ASN A 143 20.87 12.82 -5.33
N PHE A 144 22.01 13.01 -4.68
CA PHE A 144 22.06 12.70 -3.25
C PHE A 144 21.13 13.69 -2.49
N LYS A 145 21.10 14.96 -2.95
CA LYS A 145 20.26 16.01 -2.34
C LYS A 145 18.77 15.64 -2.42
N LYS A 146 18.33 15.15 -3.59
CA LYS A 146 16.98 14.58 -3.75
C LYS A 146 16.65 13.36 -2.88
N LEU A 147 17.52 12.37 -2.92
CA LEU A 147 17.46 11.19 -2.08
C LEU A 147 17.39 11.59 -0.60
N ASN A 148 18.35 12.35 -0.13
CA ASN A 148 18.41 12.79 1.25
C ASN A 148 17.21 13.58 1.68
N GLU A 149 16.72 14.55 0.88
CA GLU A 149 15.46 15.25 1.26
C GLU A 149 14.27 14.27 1.44
N ALA A 150 14.08 13.35 0.50
CA ALA A 150 13.00 12.34 0.65
C ALA A 150 13.16 11.52 1.95
N TYR A 151 14.40 11.12 2.23
CA TYR A 151 14.72 10.32 3.38
C TYR A 151 14.43 11.05 4.70
N GLN A 152 14.77 12.33 4.76
CA GLN A 152 14.57 13.17 5.97
C GLN A 152 13.08 13.39 6.19
N ILE A 153 12.32 13.59 5.09
CA ILE A 153 10.89 13.79 5.20
C ILE A 153 10.27 12.50 5.77
N LEU A 154 10.60 11.38 5.16
CA LEU A 154 10.08 10.10 5.63
C LEU A 154 10.42 9.79 7.07
N GLN A 155 11.68 9.90 7.41
CA GLN A 155 12.12 9.59 8.78
C GLN A 155 11.42 10.53 9.83
N THR A 156 11.22 11.78 9.46
CA THR A 156 10.59 12.73 10.37
C THR A 156 9.13 12.36 10.53
N ALA A 157 8.47 12.05 9.40
CA ALA A 157 7.04 11.65 9.44
C ALA A 157 6.85 10.35 10.21
N LEU A 158 7.72 9.38 9.98
CA LEU A 158 7.62 8.13 10.70
C LEU A 158 7.88 8.25 12.23
N LYS A 159 8.82 9.10 12.64
CA LYS A 159 9.06 9.32 14.08
C LYS A 159 7.80 9.87 14.80
N ARG A 160 7.14 10.81 14.17
CA ARG A 160 5.96 11.41 14.66
C ARG A 160 4.73 10.48 14.54
N GLY A 161 4.62 9.74 13.44
CA GLY A 161 3.61 8.68 13.29
C GLY A 161 2.77 9.04 12.10
N LEU A 162 2.37 8.06 11.32
CA LEU A 162 1.57 8.33 10.12
C LEU A 162 0.13 8.42 10.47
N PRO A 163 -0.58 9.40 9.89
CA PRO A 163 -2.01 9.53 10.18
C PRO A 163 -2.83 8.48 9.43
N ALA A 164 -4.06 8.26 9.89
CA ALA A 164 -4.92 7.29 9.25
C ALA A 164 -5.22 7.74 7.82
N LEU A 165 -5.67 6.81 6.99
CA LEU A 165 -5.84 7.15 5.60
C LEU A 165 -6.90 8.23 5.37
N LYS A 166 -7.79 8.50 6.32
CA LYS A 166 -8.81 9.54 6.14
C LYS A 166 -8.29 10.99 6.32
N GLU A 167 -7.24 11.17 7.13
CA GLU A 167 -6.60 12.45 7.34
C GLU A 167 -5.57 12.64 6.21
N ASN A 168 -5.97 13.37 5.19
CA ASN A 168 -5.09 13.62 4.06
C ASN A 168 -4.41 14.98 4.08
N ASN A 169 -4.61 15.76 5.12
CA ASN A 169 -4.09 17.14 5.18
C ASN A 169 -3.24 17.34 6.42
N GLY A 170 -2.74 16.29 7.06
CA GLY A 170 -1.73 16.47 8.12
C GLY A 170 -0.40 17.03 7.55
N LYS A 171 0.37 17.65 8.43
CA LYS A 171 1.58 18.36 8.03
C LYS A 171 2.67 18.13 9.05
N VAL A 172 3.92 18.19 8.57
CA VAL A 172 5.07 18.02 9.44
C VAL A 172 6.08 19.05 9.01
N ASN A 173 6.85 19.54 9.98
CA ASN A 173 8.00 20.34 9.70
C ASN A 173 9.29 19.49 9.72
N VAL A 174 10.16 19.75 8.77
CA VAL A 174 11.36 18.93 8.53
C VAL A 174 12.58 19.82 8.38
N THR A 175 13.64 19.52 9.13
CA THR A 175 14.87 20.30 9.03
C THR A 175 16.02 19.38 8.79
N TYR A 176 16.89 19.70 7.85
CA TYR A 176 18.14 18.92 7.67
C TYR A 176 19.32 19.82 7.26
N THR A 177 20.53 19.30 7.46
CA THR A 177 21.76 20.03 7.27
C THR A 177 22.77 19.16 6.53
N TYR A 178 23.58 19.82 5.71
CA TYR A 178 24.75 19.22 5.09
C TYR A 178 25.86 20.27 5.03
N THR A 179 27.12 19.81 4.87
CA THR A 179 28.29 20.67 4.79
C THR A 179 29.17 20.38 3.58
N CYS A 180 29.87 21.44 3.13
CA CYS A 180 30.86 21.40 2.02
C CYS A 180 32.24 21.89 2.56
N SER A 181 33.29 21.12 2.22
CA SER A 181 34.66 21.46 2.56
C SER A 181 35.52 20.96 1.42
N GLY A 182 36.77 21.40 1.42
CA GLY A 182 37.71 21.12 0.37
C GLY A 182 37.78 22.20 -0.68
N ASP A 183 39.00 22.41 -1.18
CA ASP A 183 39.25 23.40 -2.23
C ASP A 183 38.46 23.09 -3.49
N GLY A 184 37.74 24.08 -4.00
CA GLY A 184 36.89 23.95 -5.18
C GLY A 184 35.50 23.32 -5.00
N ASN A 185 35.06 23.04 -3.77
CA ASN A 185 33.71 22.45 -3.57
C ASN A 185 32.66 23.56 -3.73
N ASN A 186 31.81 23.42 -4.76
CA ASN A 186 30.80 24.42 -5.11
C ASN A 186 29.36 23.95 -4.86
N ASN A 187 29.21 22.84 -4.14
CA ASN A 187 27.88 22.29 -3.83
C ASN A 187 27.13 23.13 -2.78
N CYS A 188 27.82 24.06 -2.13
CA CYS A 188 27.18 24.93 -1.14
C CYS A 188 27.31 26.42 -1.53
N SER A 189 27.53 26.71 -2.80
CA SER A 189 27.75 28.06 -3.23
C SER A 189 26.39 28.76 -3.34
N SER A 190 26.40 30.10 -3.22
CA SER A 190 25.18 30.91 -3.31
C SER A 190 24.48 30.69 -4.64
N GLN A 191 25.25 30.47 -5.71
CA GLN A 191 24.67 30.04 -7.02
C GLN A 191 23.85 28.77 -6.95
N VAL A 192 24.26 27.82 -6.13
CA VAL A 192 23.57 26.56 -6.07
C VAL A 192 22.46 26.59 -5.01
N THR A 193 22.68 27.25 -3.88
CA THR A 193 21.70 27.25 -2.79
C THR A 193 20.59 28.32 -2.96
N GLY A 194 20.89 29.41 -3.70
CA GLY A 194 19.99 30.54 -3.84
C GLY A 194 20.16 31.62 -2.78
N VAL A 195 21.04 31.44 -1.79
CA VAL A 195 21.10 32.47 -0.73
C VAL A 195 21.82 33.75 -1.20
N ASN A 196 21.59 34.83 -0.47
CA ASN A 196 22.11 36.13 -0.82
C ASN A 196 23.65 36.15 -0.64
N ASN A 197 24.16 35.46 0.37
CA ASN A 197 25.55 35.51 0.84
C ASN A 197 25.95 34.16 1.48
N GLN A 198 26.89 33.44 0.87
CA GLN A 198 27.32 32.16 1.42
C GLN A 198 27.79 32.16 2.86
N LYS A 199 28.55 33.18 3.28
CA LYS A 199 29.13 33.23 4.64
C LYS A 199 28.07 33.34 5.70
N ASP A 200 26.97 33.98 5.32
CA ASP A 200 25.90 34.26 6.27
C ASP A 200 24.72 34.73 5.44
N GLY A 201 23.88 33.77 5.09
CA GLY A 201 22.81 34.05 4.17
C GLY A 201 21.56 33.18 4.34
N THR A 202 20.51 33.63 3.66
CA THR A 202 19.20 32.99 3.74
C THR A 202 18.50 33.15 2.39
N LYS A 203 17.62 32.22 2.10
CA LYS A 203 16.71 32.26 0.98
C LYS A 203 15.45 31.50 1.37
N THR A 204 14.29 32.12 1.19
CA THR A 204 13.01 31.45 1.40
C THR A 204 12.36 31.37 0.06
N LYS A 205 11.68 30.25 -0.21
CA LYS A 205 10.85 30.04 -1.39
C LYS A 205 9.62 29.17 -1.09
N ILE A 206 8.71 29.13 -2.06
CA ILE A 206 7.55 28.27 -2.03
C ILE A 206 7.95 27.08 -2.88
N GLN A 207 7.92 25.89 -2.28
CA GLN A 207 8.34 24.67 -2.94
C GLN A 207 7.10 23.77 -3.02
N THR A 208 6.92 23.11 -4.16
CA THR A 208 5.81 22.23 -4.41
C THR A 208 6.20 20.80 -4.05
N ILE A 209 5.47 20.16 -3.14
CA ILE A 209 5.71 18.77 -2.77
C ILE A 209 4.40 18.04 -2.88
N ASP A 210 4.33 17.09 -3.79
CA ASP A 210 3.10 16.32 -4.06
C ASP A 210 1.93 17.19 -4.33
N GLY A 211 2.11 18.21 -5.18
CA GLY A 211 1.01 19.14 -5.47
C GLY A 211 0.68 20.15 -4.36
N LYS A 212 1.34 20.11 -3.21
CA LYS A 212 1.13 21.11 -2.18
C LYS A 212 2.25 22.13 -2.09
N SER A 213 1.92 23.33 -1.61
CA SER A 213 2.87 24.41 -1.43
C SER A 213 3.43 24.36 0.01
N VAL A 214 4.74 24.28 0.07
CA VAL A 214 5.45 24.23 1.29
C VAL A 214 6.38 25.44 1.32
N THR A 215 6.60 26.03 2.51
CA THR A 215 7.60 27.10 2.66
C THR A 215 8.94 26.50 2.99
N THR A 216 9.97 26.92 2.27
CA THR A 216 11.30 26.39 2.49
C THR A 216 12.26 27.51 2.82
N THR A 217 12.99 27.33 3.93
CA THR A 217 13.98 28.29 4.34
C THR A 217 15.33 27.64 4.26
N ILE A 218 16.20 28.25 3.45
CA ILE A 218 17.59 27.80 3.27
C ILE A 218 18.53 28.78 3.95
N SER A 219 19.33 28.28 4.89
CA SER A 219 20.36 29.06 5.54
C SER A 219 21.75 28.56 5.21
N SER A 220 22.69 29.52 5.19
CA SER A 220 24.06 29.24 4.82
C SER A 220 24.97 29.96 5.76
N LYS A 221 25.96 29.28 6.28
CA LYS A 221 27.04 29.94 6.99
C LYS A 221 28.37 29.23 6.76
N VAL A 222 29.43 30.01 6.82
CA VAL A 222 30.78 29.48 6.80
C VAL A 222 31.34 29.43 8.21
N VAL A 223 31.83 28.28 8.64
CA VAL A 223 32.57 28.10 9.89
C VAL A 223 34.04 28.00 9.50
N ASP A 224 34.84 28.93 10.02
CA ASP A 224 36.24 29.06 9.70
C ASP A 224 36.96 27.98 10.46
N SER A 225 38.06 27.47 9.90
CA SER A 225 38.89 26.40 10.52
C SER A 225 39.32 26.73 11.95
N ARG A 226 39.55 28.01 12.23
CA ARG A 226 40.00 28.47 13.56
C ARG A 226 38.84 28.97 14.45
N ALA A 227 37.58 28.82 14.03
CA ALA A 227 36.45 29.26 14.87
C ALA A 227 36.28 28.39 16.13
N ASP A 228 35.78 29.01 17.20
CA ASP A 228 35.58 28.31 18.47
C ASP A 228 34.58 27.19 18.29
N GLY A 229 34.93 25.98 18.71
CA GLY A 229 34.00 24.85 18.69
C GLY A 229 34.14 23.96 17.47
N ASN A 230 35.05 24.33 16.58
CA ASN A 230 35.29 23.62 15.34
C ASN A 230 36.45 22.64 15.52
N THR A 231 36.14 21.35 15.69
CA THR A 231 37.19 20.32 15.94
C THR A 231 37.74 19.63 14.68
N THR A 232 37.39 20.14 13.48
CA THR A 232 37.64 19.46 12.21
C THR A 232 38.92 19.90 11.50
N GLY A 233 39.45 21.06 11.89
CA GLY A 233 40.68 21.55 11.28
C GLY A 233 40.51 22.08 9.87
N VAL A 234 39.26 22.29 9.43
CA VAL A 234 39.05 22.95 8.12
C VAL A 234 37.86 23.88 8.19
N SER A 235 37.89 24.87 7.33
CA SER A 235 36.73 25.68 7.04
C SER A 235 35.67 24.90 6.28
N TYR A 236 34.40 25.10 6.61
CA TYR A 236 33.33 24.46 5.89
C TYR A 236 32.13 25.37 5.78
N THR A 237 31.27 25.13 4.77
CA THR A 237 29.99 25.79 4.68
C THR A 237 28.90 24.83 5.15
N GLU A 238 28.03 25.27 6.04
CA GLU A 238 26.90 24.50 6.51
C GLU A 238 25.59 25.07 5.97
N ILE A 239 24.80 24.16 5.40
CA ILE A 239 23.56 24.57 4.73
C ILE A 239 22.47 23.86 5.53
N THR A 240 21.46 24.64 5.88
CA THR A 240 20.29 24.19 6.64
C THR A 240 19.10 24.39 5.74
N ASN A 241 18.33 23.32 5.51
CA ASN A 241 17.03 23.36 4.85
C ASN A 241 15.92 23.07 5.84
N LYS A 242 15.00 24.03 6.01
CA LYS A 242 13.79 23.88 6.83
C LYS A 242 12.59 23.96 5.93
N LEU A 243 11.82 22.86 5.91
CA LEU A 243 10.58 22.78 5.20
C LEU A 243 9.40 22.79 6.20
N GLU A 244 8.57 23.84 6.16
CA GLU A 244 7.36 23.95 6.97
C GLU A 244 6.12 23.58 6.20
N GLY A 245 5.28 22.73 6.80
CA GLY A 245 3.99 22.37 6.24
C GLY A 245 4.07 21.24 5.20
N VAL A 246 5.04 20.34 5.34
CA VAL A 246 5.23 19.22 4.40
C VAL A 246 4.07 18.26 4.58
N PRO A 247 3.43 17.81 3.50
CA PRO A 247 2.31 16.92 3.65
C PRO A 247 2.74 15.56 4.19
N ASP A 248 2.02 15.02 5.17
CA ASP A 248 2.32 13.66 5.69
C ASP A 248 1.19 12.64 5.42
N SER A 249 0.47 12.81 4.35
CA SER A 249 -0.58 11.88 4.03
C SER A 249 0.03 10.57 3.47
N ALA A 250 -0.79 9.53 3.41
CA ALA A 250 -0.38 8.30 2.81
C ALA A 250 0.12 8.55 1.39
N GLN A 251 -0.65 9.30 0.63
CA GLN A 251 -0.30 9.62 -0.75
C GLN A 251 1.05 10.33 -0.84
N ALA A 252 1.27 11.29 0.06
CA ALA A 252 2.45 12.15 -0.06
C ALA A 252 3.64 11.38 0.39
N LEU A 253 3.52 10.53 1.42
CA LEU A 253 4.67 9.79 1.87
C LEU A 253 5.02 8.64 0.91
N LEU A 254 4.04 8.04 0.29
CA LEU A 254 4.37 7.05 -0.78
C LEU A 254 5.07 7.76 -1.94
N ALA A 255 4.71 9.01 -2.25
CA ALA A 255 5.42 9.70 -3.32
C ALA A 255 6.89 9.92 -2.93
N GLN A 256 7.17 10.21 -1.66
CA GLN A 256 8.51 10.36 -1.19
C GLN A 256 9.24 9.01 -1.20
N ALA A 257 8.57 7.95 -0.77
CA ALA A 257 9.19 6.62 -0.85
C ALA A 257 9.55 6.25 -2.31
N SER A 258 8.68 6.64 -3.24
CA SER A 258 8.89 6.48 -4.67
C SER A 258 10.12 7.26 -5.18
N THR A 259 10.20 8.51 -4.76
CA THR A 259 11.35 9.34 -5.11
C THR A 259 12.64 8.72 -4.58
N LEU A 260 12.60 8.22 -3.37
CA LEU A 260 13.79 7.67 -2.71
C LEU A 260 14.32 6.44 -3.46
N ILE A 261 13.44 5.49 -3.72
CA ILE A 261 13.82 4.25 -4.39
C ILE A 261 14.17 4.49 -5.87
N ASN A 262 13.38 5.29 -6.56
CA ASN A 262 13.65 5.55 -7.99
C ASN A 262 14.91 6.37 -8.20
N THR A 263 15.23 7.29 -7.28
CA THR A 263 16.45 8.09 -7.38
C THR A 263 17.65 7.17 -7.24
N ILE A 264 17.55 6.17 -6.36
CA ILE A 264 18.58 5.19 -6.21
C ILE A 264 18.75 4.37 -7.51
N ASN A 265 17.65 3.91 -8.07
CA ASN A 265 17.67 3.19 -9.33
C ASN A 265 18.17 4.04 -10.49
N ASN A 266 17.67 5.27 -10.59
CA ASN A 266 18.06 6.16 -11.67
C ASN A 266 19.58 6.50 -11.61
N ALA A 267 20.11 6.74 -10.44
CA ALA A 267 21.51 7.06 -10.32
C ALA A 267 22.36 5.82 -10.54
N CYS A 268 21.82 4.65 -10.17
CA CYS A 268 22.56 3.37 -10.18
C CYS A 268 24.06 3.46 -9.80
N PRO A 269 24.36 3.91 -8.58
CA PRO A 269 25.78 4.15 -8.26
C PRO A 269 26.63 2.95 -7.87
N TYR A 270 27.92 3.18 -8.07
CA TYR A 270 29.00 2.30 -7.70
C TYR A 270 28.93 2.10 -6.21
N PHE A 271 29.13 0.87 -5.76
CA PHE A 271 29.30 0.59 -4.33
C PHE A 271 30.56 -0.29 -4.18
N HIS A 272 31.02 -0.42 -2.95
CA HIS A 272 32.37 -0.88 -2.60
C HIS A 272 32.24 -1.38 -1.14
N ALA A 273 32.01 -2.68 -0.95
CA ALA A 273 31.96 -3.33 0.38
C ALA A 273 33.11 -4.34 0.62
N PHE A 284 26.13 -10.00 2.26
CA PHE A 284 25.70 -9.75 0.88
C PHE A 284 26.37 -10.74 -0.11
N SER A 285 25.61 -11.13 -1.13
CA SER A 285 26.09 -11.97 -2.24
C SER A 285 27.04 -11.26 -3.26
N THR A 286 27.13 -9.93 -3.22
CA THR A 286 28.06 -9.17 -4.09
C THR A 286 28.65 -8.02 -3.23
N THR A 287 29.98 -7.75 -3.34
CA THR A 287 30.68 -6.71 -2.55
C THR A 287 31.42 -5.62 -3.37
N THR A 288 31.11 -5.51 -4.66
CA THR A 288 31.53 -4.36 -5.50
C THR A 288 30.69 -4.39 -6.76
N GLY A 289 30.19 -3.24 -7.19
CA GLY A 289 29.33 -3.25 -8.32
C GLY A 289 28.55 -1.99 -8.39
N LYS A 290 27.32 -2.13 -8.85
CA LYS A 290 26.37 -1.04 -8.99
C LYS A 290 25.10 -1.41 -8.20
N ILE A 291 24.51 -0.45 -7.51
CA ILE A 291 23.42 -0.74 -6.56
C ILE A 291 22.22 -1.30 -7.28
N CYS A 292 21.88 -0.70 -8.41
CA CYS A 292 20.75 -1.16 -9.18
C CYS A 292 20.94 -2.55 -9.78
N GLY A 293 22.11 -3.14 -9.64
CA GLY A 293 22.35 -4.48 -10.20
C GLY A 293 22.44 -5.52 -9.10
N ALA A 294 23.37 -5.35 -8.20
CA ALA A 294 23.41 -6.27 -7.11
C ALA A 294 22.12 -6.31 -6.28
N PHE A 295 21.34 -5.22 -6.23
CA PHE A 295 20.10 -5.19 -5.44
C PHE A 295 18.81 -5.06 -6.24
N SER A 296 18.85 -5.52 -7.48
CA SER A 296 17.74 -5.41 -8.43
C SER A 296 16.50 -6.08 -7.95
N GLU A 297 16.65 -7.24 -7.31
CA GLU A 297 15.50 -7.98 -6.79
C GLU A 297 14.77 -7.26 -5.67
N GLU A 298 15.54 -6.63 -4.78
CA GLU A 298 14.98 -5.87 -3.67
C GLU A 298 14.27 -4.60 -4.19
N ILE A 299 14.93 -3.90 -5.11
CA ILE A 299 14.35 -2.71 -5.69
C ILE A 299 13.02 -3.03 -6.38
N SER A 300 13.00 -4.15 -7.08
CA SER A 300 11.85 -4.56 -7.83
C SER A 300 10.66 -4.79 -6.88
N ALA A 301 10.92 -5.49 -5.80
CA ALA A 301 9.86 -5.73 -4.82
C ALA A 301 9.37 -4.40 -4.19
N ILE A 302 10.28 -3.53 -3.86
CA ILE A 302 9.90 -2.30 -3.11
C ILE A 302 9.15 -1.33 -4.03
N GLN A 303 9.57 -1.20 -5.31
CA GLN A 303 8.77 -0.43 -6.30
C GLN A 303 7.34 -0.98 -6.42
N LYS A 304 7.22 -2.31 -6.49
CA LYS A 304 5.89 -2.92 -6.65
C LYS A 304 5.04 -2.66 -5.39
N MET A 305 5.67 -2.68 -4.22
CA MET A 305 4.96 -2.41 -2.98
C MET A 305 4.41 -1.00 -2.95
N ILE A 306 5.27 -0.06 -3.29
CA ILE A 306 4.86 1.38 -3.38
C ILE A 306 3.71 1.56 -4.36
N THR A 307 3.82 0.94 -5.53
CA THR A 307 2.77 1.06 -6.55
C THR A 307 1.46 0.46 -6.13
N ASP A 308 1.51 -0.73 -5.53
CA ASP A 308 0.27 -1.32 -5.02
C ASP A 308 -0.30 -0.45 -3.88
N ALA A 309 0.56 0.08 -3.04
CA ALA A 309 0.05 0.90 -1.95
C ALA A 309 -0.59 2.17 -2.50
N GLN A 310 -0.01 2.73 -3.54
CA GLN A 310 -0.58 3.96 -4.14
C GLN A 310 -1.94 3.64 -4.79
N GLU A 311 -2.06 2.51 -5.45
CA GLU A 311 -3.31 2.15 -6.04
C GLU A 311 -4.38 1.92 -4.95
N LEU A 312 -3.99 1.25 -3.88
CA LEU A 312 -4.84 1.10 -2.70
C LEU A 312 -5.34 2.43 -2.12
N VAL A 313 -4.46 3.39 -2.02
CA VAL A 313 -4.82 4.68 -1.49
C VAL A 313 -5.75 5.35 -2.50
N ASN A 314 -5.54 5.19 -3.80
CA ASN A 314 -6.46 5.72 -4.82
C ASN A 314 -7.90 5.17 -4.70
N GLN A 315 -8.07 3.99 -4.10
CA GLN A 315 -9.40 3.40 -3.95
C GLN A 315 -10.20 4.12 -2.89
N THR A 316 -9.49 4.83 -2.01
CA THR A 316 -10.07 5.61 -0.95
C THR A 316 -11.05 6.65 -1.48
N SER A 317 -10.75 7.23 -2.61
CA SER A 317 -11.58 8.31 -3.06
C SER A 317 -12.94 7.75 -3.60
N VAL A 318 -12.95 6.49 -4.07
CA VAL A 318 -14.17 5.86 -4.56
C VAL A 318 -15.05 5.52 -3.36
N ILE A 319 -14.44 4.98 -2.35
CA ILE A 319 -15.11 4.75 -1.09
C ILE A 319 -15.77 6.02 -0.52
N ASN A 320 -15.03 7.12 -0.49
CA ASN A 320 -15.53 8.33 0.15
C ASN A 320 -16.63 8.99 -0.65
N GLU A 321 -16.62 8.79 -1.94
CA GLU A 321 -17.63 9.33 -2.83
C GLU A 321 -18.94 8.60 -2.82
N HIS A 322 -18.95 7.34 -2.38
CA HIS A 322 -20.19 6.56 -2.36
C HIS A 322 -20.52 6.08 -0.97
N GLU A 323 -21.06 6.99 -0.17
CA GLU A 323 -21.25 6.65 1.26
C GLU A 323 -22.50 5.81 1.43
N GLN A 324 -22.54 5.03 2.49
CA GLN A 324 -23.59 4.04 2.77
C GLN A 324 -24.52 4.42 3.97
N THR A 325 -24.62 5.71 4.28
CA THR A 325 -25.27 6.20 5.51
C THR A 325 -26.83 6.29 5.46
N THR A 326 -27.35 6.43 4.25
CA THR A 326 -28.77 6.63 3.96
C THR A 326 -29.46 5.29 3.81
N PRO A 327 -30.56 5.06 4.56
CA PRO A 327 -31.30 3.80 4.33
C PRO A 327 -32.00 3.77 2.97
N VAL A 328 -32.16 2.59 2.41
CA VAL A 328 -32.80 2.45 1.13
C VAL A 328 -34.19 1.96 1.33
N GLY A 329 -34.95 1.92 0.28
CA GLY A 329 -36.35 1.58 0.39
C GLY A 329 -37.08 2.90 0.29
N ASN A 330 -38.35 2.78 0.10
CA ASN A 330 -39.22 3.92 0.04
C ASN A 330 -39.68 4.08 1.46
N ASN A 331 -39.94 5.28 1.89
CA ASN A 331 -40.30 5.50 3.27
C ASN A 331 -41.78 5.80 3.40
N ASN A 332 -42.57 5.68 2.33
CA ASN A 332 -43.92 6.22 2.38
C ASN A 332 -44.96 5.16 2.12
N GLY A 333 -44.63 3.88 2.32
CA GLY A 333 -45.53 2.79 1.98
C GLY A 333 -45.38 2.04 0.63
N LYS A 334 -44.77 2.63 -0.39
CA LYS A 334 -44.53 1.93 -1.64
C LYS A 334 -43.62 0.70 -1.42
N PRO A 335 -44.09 -0.48 -1.84
CA PRO A 335 -43.20 -1.62 -1.71
C PRO A 335 -41.92 -1.43 -2.56
N PHE A 336 -40.82 -1.94 -2.06
CA PHE A 336 -39.56 -1.79 -2.71
C PHE A 336 -39.51 -2.61 -3.97
N ASN A 337 -39.28 -1.97 -5.10
CA ASN A 337 -39.20 -2.66 -6.38
C ASN A 337 -37.75 -2.63 -6.90
N PRO A 338 -37.10 -3.80 -6.94
CA PRO A 338 -35.66 -3.84 -7.21
C PRO A 338 -35.38 -3.43 -8.66
N PHE A 339 -36.39 -3.48 -9.55
CA PHE A 339 -36.19 -3.04 -10.90
C PHE A 339 -36.12 -1.55 -11.04
N THR A 340 -36.73 -0.81 -10.12
CA THR A 340 -36.87 0.62 -10.27
C THR A 340 -36.39 1.46 -9.08
N ASP A 341 -36.27 0.86 -7.90
CA ASP A 341 -35.99 1.62 -6.71
C ASP A 341 -34.55 1.52 -6.23
N ALA A 342 -33.67 0.99 -7.07
CA ALA A 342 -32.31 0.66 -6.72
C ALA A 342 -31.25 1.53 -7.36
N SER A 343 -31.52 2.80 -7.60
CA SER A 343 -30.47 3.64 -8.14
C SER A 343 -29.23 3.77 -7.25
N PHE A 344 -29.35 3.55 -5.94
CA PHE A 344 -28.19 3.54 -5.02
C PHE A 344 -27.22 2.37 -5.25
N ALA A 345 -27.64 1.31 -5.95
CA ALA A 345 -26.86 0.08 -5.97
C ALA A 345 -25.52 0.30 -6.69
N GLN A 346 -25.50 1.14 -7.70
CA GLN A 346 -24.26 1.38 -8.44
C GLN A 346 -23.12 1.94 -7.53
N GLY A 347 -23.47 2.93 -6.70
CA GLY A 347 -22.59 3.47 -5.66
C GLY A 347 -22.15 2.41 -4.68
N MET A 348 -23.11 1.62 -4.21
CA MET A 348 -22.84 0.56 -3.25
C MET A 348 -21.90 -0.46 -3.86
N LEU A 349 -22.07 -0.78 -5.13
CA LEU A 349 -21.13 -1.75 -5.79
C LEU A 349 -19.72 -1.14 -5.95
N ALA A 350 -19.64 0.13 -6.38
CA ALA A 350 -18.37 0.78 -6.53
C ALA A 350 -17.63 0.77 -5.16
N ASN A 351 -18.32 1.11 -4.08
CA ASN A 351 -17.77 1.13 -2.75
C ASN A 351 -17.23 -0.25 -2.31
N ALA A 352 -18.10 -1.26 -2.40
CA ALA A 352 -17.76 -2.57 -1.95
C ALA A 352 -16.58 -3.12 -2.79
N SER A 353 -16.60 -2.91 -4.10
CA SER A 353 -15.55 -3.39 -5.00
C SER A 353 -14.22 -2.69 -4.70
N ALA A 354 -14.32 -1.43 -4.31
CA ALA A 354 -13.12 -0.70 -4.04
C ALA A 354 -12.52 -1.20 -2.69
N GLN A 355 -13.37 -1.53 -1.72
CA GLN A 355 -12.87 -2.09 -0.45
C GLN A 355 -12.24 -3.49 -0.69
N ALA A 356 -12.85 -4.33 -1.53
CA ALA A 356 -12.23 -5.62 -1.88
C ALA A 356 -10.87 -5.45 -2.55
N LYS A 357 -10.79 -4.50 -3.46
CA LYS A 357 -9.57 -4.12 -4.08
C LYS A 357 -8.48 -3.63 -3.09
N MET A 358 -8.85 -2.76 -2.15
CA MET A 358 -7.91 -2.40 -1.09
C MET A 358 -7.33 -3.61 -0.33
N LEU A 359 -8.19 -4.58 0.01
CA LEU A 359 -7.72 -5.81 0.71
C LEU A 359 -6.80 -6.66 -0.18
N ASN A 360 -7.18 -6.86 -1.43
CA ASN A 360 -6.33 -7.61 -2.31
C ASN A 360 -4.94 -6.94 -2.45
N LEU A 361 -4.92 -5.61 -2.57
CA LEU A 361 -3.63 -4.92 -2.75
C LEU A 361 -2.80 -4.99 -1.48
N ALA A 362 -3.45 -4.91 -0.33
CA ALA A 362 -2.72 -4.90 0.94
C ALA A 362 -2.00 -6.24 1.10
N GLU A 363 -2.69 -7.28 0.69
CA GLU A 363 -2.19 -8.64 0.73
C GLU A 363 -1.00 -8.79 -0.19
N GLN A 364 -1.11 -8.24 -1.40
CA GLN A 364 0.01 -8.14 -2.35
C GLN A 364 1.23 -7.37 -1.86
N VAL A 365 1.03 -6.27 -1.14
CA VAL A 365 2.16 -5.57 -0.50
C VAL A 365 2.90 -6.51 0.44
N GLY A 366 2.15 -7.24 1.29
CA GLY A 366 2.71 -8.20 2.24
C GLY A 366 3.42 -9.39 1.57
N GLN A 367 2.79 -9.98 0.56
CA GLN A 367 3.40 -11.12 -0.10
C GLN A 367 4.75 -10.79 -0.75
N ALA A 368 4.94 -9.57 -1.22
CA ALA A 368 6.12 -9.15 -1.98
C ALA A 368 7.38 -9.24 -1.20
N ILE A 369 7.27 -9.10 0.12
CA ILE A 369 8.45 -8.98 0.99
C ILE A 369 8.52 -10.00 2.14
N ASN A 370 7.47 -10.78 2.32
CA ASN A 370 7.39 -11.74 3.39
C ASN A 370 8.41 -12.86 3.18
N PRO A 371 9.36 -12.97 4.12
CA PRO A 371 10.46 -13.92 3.98
C PRO A 371 10.05 -15.36 3.84
N GLU A 372 8.87 -15.74 4.32
CA GLU A 372 8.34 -17.13 4.13
C GLU A 372 8.05 -17.47 2.68
N ARG A 373 7.91 -16.46 1.82
CA ARG A 373 7.64 -16.66 0.39
C ARG A 373 8.84 -16.45 -0.49
N LEU A 374 10.01 -16.27 0.10
CA LEU A 374 11.17 -15.85 -0.71
C LEU A 374 12.22 -16.93 -0.57
N SER A 375 13.23 -16.89 -1.42
CA SER A 375 14.33 -17.82 -1.29
C SER A 375 15.61 -17.16 -1.74
N GLY A 376 16.74 -17.79 -1.44
CA GLY A 376 18.01 -17.31 -1.97
C GLY A 376 18.51 -16.01 -1.35
N THR A 377 19.20 -15.22 -2.16
CA THR A 377 19.82 -14.05 -1.63
C THR A 377 18.76 -13.03 -1.25
N PHE A 378 17.59 -13.06 -1.87
CA PHE A 378 16.52 -12.10 -1.56
C PHE A 378 15.95 -12.38 -0.16
N GLN A 379 15.76 -13.67 0.17
CA GLN A 379 15.33 -14.03 1.48
C GLN A 379 16.33 -13.61 2.54
N ASN A 380 17.63 -13.81 2.27
CA ASN A 380 18.66 -13.45 3.21
C ASN A 380 18.74 -11.92 3.40
N PHE A 381 18.63 -11.18 2.33
CA PHE A 381 18.60 -9.72 2.43
C PHE A 381 17.46 -9.31 3.34
N VAL A 382 16.28 -9.87 3.12
CA VAL A 382 15.13 -9.47 3.96
C VAL A 382 15.24 -9.89 5.44
N LYS A 383 15.52 -11.17 5.68
CA LYS A 383 15.57 -11.64 7.05
C LYS A 383 16.79 -11.08 7.80
N GLY A 384 17.94 -10.97 7.14
CA GLY A 384 19.18 -10.63 7.81
C GLY A 384 19.57 -9.17 7.85
N PHE A 385 18.90 -8.34 7.05
CA PHE A 385 19.28 -6.96 6.95
C PHE A 385 18.09 -6.03 7.00
N LEU A 386 17.18 -6.15 6.07
CA LEU A 386 16.04 -5.24 5.97
C LEU A 386 15.18 -5.24 7.22
N ALA A 387 14.88 -6.45 7.69
CA ALA A 387 13.99 -6.66 8.80
C ALA A 387 14.64 -6.58 10.20
N THR A 388 15.81 -5.97 10.34
CA THR A 388 16.50 -5.95 11.61
C THR A 388 16.84 -4.50 11.89
N CYS A 389 17.38 -4.27 13.09
CA CYS A 389 17.87 -2.99 13.51
C CYS A 389 19.06 -3.15 14.43
N ASN A 390 20.21 -2.60 14.04
CA ASN A 390 21.39 -2.58 14.92
C ASN A 390 21.38 -1.45 16.02
N ASN A 391 20.42 -0.54 16.00
CA ASN A 391 20.41 0.55 16.98
C ASN A 391 20.28 -0.02 18.41
N PRO A 392 21.11 0.45 19.35
CA PRO A 392 20.91 0.00 20.76
C PRO A 392 19.60 0.49 21.39
N SER A 393 19.08 -0.24 22.37
CA SER A 393 17.77 0.06 22.93
C SER A 393 17.67 1.52 23.42
N GLN A 401 12.03 -2.59 24.66
CA GLN A 401 11.61 -1.47 23.82
C GLN A 401 12.77 -0.89 22.98
N GLY A 402 12.71 -1.13 21.67
CA GLY A 402 13.71 -0.62 20.74
C GLY A 402 13.67 0.89 20.60
N SER A 403 14.64 1.41 19.86
CA SER A 403 14.62 2.82 19.46
C SER A 403 13.34 3.21 18.68
N ALA A 404 12.90 4.45 18.86
CA ALA A 404 11.76 4.97 18.09
C ALA A 404 11.99 4.91 16.55
N PRO A 405 10.90 4.95 15.78
CA PRO A 405 11.07 5.03 14.35
C PRO A 405 11.75 6.35 14.00
N GLY A 406 12.41 6.36 12.85
CA GLY A 406 13.19 7.52 12.43
C GLY A 406 14.47 7.81 13.18
N THR A 407 15.05 6.83 13.90
CA THR A 407 16.27 7.08 14.64
C THR A 407 17.44 6.59 13.85
N VAL A 408 18.42 7.45 13.60
CA VAL A 408 19.69 7.11 12.96
C VAL A 408 20.81 7.18 14.03
N THR A 409 21.57 6.10 14.23
CA THR A 409 22.74 6.09 15.12
C THR A 409 23.96 5.64 14.31
N THR A 410 25.12 5.65 14.97
CA THR A 410 26.40 5.24 14.40
C THR A 410 26.38 3.75 14.02
N GLN A 411 25.39 3.02 14.51
CA GLN A 411 25.25 1.57 14.22
C GLN A 411 24.13 1.20 13.24
N THR A 412 23.34 2.20 12.78
CA THR A 412 22.22 1.86 11.87
C THR A 412 22.68 1.10 10.63
N PHE A 413 23.82 1.51 10.07
CA PHE A 413 24.25 1.03 8.78
C PHE A 413 24.12 -0.50 8.68
N ALA A 414 23.73 -0.94 7.48
CA ALA A 414 23.52 -2.36 7.15
C ALA A 414 22.26 -3.04 7.71
N SER A 415 21.44 -2.33 8.47
CA SER A 415 20.21 -2.85 8.99
C SER A 415 19.07 -1.85 8.62
N GLY A 416 17.86 -2.35 8.51
CA GLY A 416 16.74 -1.52 8.06
C GLY A 416 16.32 -0.43 9.04
N CYS A 417 16.30 -0.79 10.32
CA CYS A 417 15.81 0.10 11.39
C CYS A 417 14.58 0.87 11.00
N ALA A 418 13.59 0.17 10.51
CA ALA A 418 12.36 0.84 10.10
C ALA A 418 11.21 -0.08 10.43
N TYR A 419 11.36 -0.86 11.49
CA TYR A 419 10.28 -1.73 11.93
C TYR A 419 9.71 -2.65 10.86
N VAL A 420 10.56 -3.09 9.94
CA VAL A 420 10.02 -3.79 8.80
C VAL A 420 9.53 -5.21 9.20
N GLY A 421 10.30 -5.95 10.00
CA GLY A 421 9.84 -7.24 10.53
C GLY A 421 8.48 -7.22 11.23
N GLN A 422 8.33 -6.30 12.17
CA GLN A 422 7.09 -6.17 12.90
C GLN A 422 5.96 -5.65 12.02
N THR A 423 6.22 -4.76 11.07
CA THR A 423 5.15 -4.31 10.14
C THR A 423 4.61 -5.44 9.25
N ILE A 424 5.50 -6.30 8.72
CA ILE A 424 5.08 -7.52 8.06
C ILE A 424 4.12 -8.33 8.95
N THR A 425 4.49 -8.50 10.21
CA THR A 425 3.68 -9.24 11.12
C THR A 425 2.32 -8.54 11.36
N ASN A 426 2.36 -7.25 11.66
CA ASN A 426 1.12 -6.52 11.91
C ASN A 426 0.24 -6.49 10.65
N LEU A 427 0.85 -6.44 9.46
CA LEU A 427 0.03 -6.53 8.25
C LEU A 427 -0.66 -7.89 8.12
N LYS A 428 0.08 -8.99 8.26
CA LYS A 428 -0.54 -10.36 8.15
C LYS A 428 -1.63 -10.53 9.17
N ASN A 429 -1.35 -10.12 10.40
CA ASN A 429 -2.36 -10.15 11.43
C ASN A 429 -3.59 -9.27 11.21
N SER A 430 -3.43 -8.04 10.77
CA SER A 430 -4.57 -7.19 10.48
C SER A 430 -5.48 -7.77 9.36
N ILE A 431 -4.88 -8.38 8.35
CA ILE A 431 -5.60 -9.06 7.28
C ILE A 431 -6.42 -10.24 7.85
N ALA A 432 -5.76 -11.12 8.60
CA ALA A 432 -6.45 -12.20 9.27
C ALA A 432 -7.58 -11.71 10.22
N HIS A 433 -7.36 -10.64 10.98
CA HIS A 433 -8.41 -10.20 11.84
C HIS A 433 -9.45 -9.34 11.12
N PHE A 434 -9.28 -9.06 9.83
CA PHE A 434 -10.26 -8.29 9.06
C PHE A 434 -11.27 -9.20 8.32
N GLY A 435 -11.23 -10.49 8.64
CA GLY A 435 -12.16 -11.50 8.13
C GLY A 435 -13.64 -11.20 8.27
N THR A 436 -14.04 -10.66 9.41
CA THR A 436 -15.41 -10.19 9.60
C THR A 436 -15.82 -9.19 8.49
N GLN A 437 -15.01 -8.16 8.30
CA GLN A 437 -15.30 -7.10 7.31
C GLN A 437 -15.12 -7.65 5.92
N GLU A 438 -14.19 -8.58 5.72
CA GLU A 438 -14.03 -9.15 4.40
C GLU A 438 -15.31 -9.88 3.98
N GLN A 439 -15.89 -10.62 4.90
CA GLN A 439 -17.15 -11.32 4.58
C GLN A 439 -18.24 -10.31 4.26
N GLN A 440 -18.33 -9.25 5.04
CA GLN A 440 -19.37 -8.20 4.87
C GLN A 440 -19.20 -7.43 3.56
N ILE A 441 -17.95 -7.23 3.15
CA ILE A 441 -17.63 -6.62 1.87
C ILE A 441 -18.09 -7.54 0.73
N GLN A 442 -17.87 -8.82 0.89
CA GLN A 442 -18.32 -9.78 -0.11
C GLN A 442 -19.85 -9.75 -0.24
N GLN A 443 -20.53 -9.77 0.91
CA GLN A 443 -21.97 -9.74 0.91
C GLN A 443 -22.51 -8.48 0.20
N ALA A 444 -21.92 -7.34 0.47
CA ALA A 444 -22.38 -6.10 -0.15
C ALA A 444 -22.10 -6.11 -1.66
N GLU A 445 -20.92 -6.57 -2.07
CA GLU A 445 -20.63 -6.75 -3.50
C GLU A 445 -21.69 -7.64 -4.16
N ASN A 446 -21.99 -8.79 -3.56
CA ASN A 446 -22.99 -9.71 -4.13
C ASN A 446 -24.42 -9.07 -4.22
N ILE A 447 -24.83 -8.43 -3.14
CA ILE A 447 -26.16 -7.84 -3.16
C ILE A 447 -26.20 -6.67 -4.09
N ALA A 448 -25.18 -5.81 -4.06
CA ALA A 448 -25.22 -4.65 -4.95
C ALA A 448 -25.20 -5.03 -6.44
N ASP A 449 -24.36 -5.99 -6.78
CA ASP A 449 -24.28 -6.55 -8.14
C ASP A 449 -25.64 -7.08 -8.59
N THR A 450 -26.30 -7.78 -7.69
CA THR A 450 -27.62 -8.30 -7.97
C THR A 450 -28.60 -7.18 -8.29
N LEU A 451 -28.63 -6.14 -7.45
CA LEU A 451 -29.52 -5.00 -7.65
C LEU A 451 -29.21 -4.24 -8.95
N VAL A 452 -27.93 -3.94 -9.18
CA VAL A 452 -27.54 -3.25 -10.40
C VAL A 452 -28.02 -4.03 -11.59
N ASN A 453 -27.92 -5.37 -11.47
CA ASN A 453 -28.25 -6.24 -12.60
C ASN A 453 -29.51 -7.12 -12.30
N PHE A 454 -30.56 -6.57 -11.71
CA PHE A 454 -31.57 -7.43 -11.13
C PHE A 454 -32.21 -8.38 -12.13
N LYS A 455 -32.71 -7.84 -13.23
CA LYS A 455 -33.39 -8.64 -14.26
C LYS A 455 -32.52 -9.83 -14.72
N SER A 456 -31.26 -9.51 -14.97
CA SER A 456 -30.36 -10.46 -15.46
C SER A 456 -30.03 -11.54 -14.36
N ARG A 457 -29.95 -11.14 -13.09
CA ARG A 457 -29.61 -12.13 -12.07
C ARG A 457 -30.84 -13.01 -11.79
N TYR A 458 -32.04 -12.44 -11.91
CA TYR A 458 -33.27 -13.19 -11.76
C TYR A 458 -33.49 -14.17 -12.88
N SER A 459 -33.19 -13.80 -14.15
CA SER A 459 -33.06 -14.81 -15.23
C SER A 459 -32.08 -15.95 -14.97
N GLU A 460 -30.88 -15.60 -14.54
CA GLU A 460 -29.86 -16.60 -14.17
C GLU A 460 -30.39 -17.62 -13.15
N LEU A 461 -31.14 -17.17 -12.17
CA LEU A 461 -31.73 -18.10 -11.24
C LEU A 461 -32.62 -19.12 -11.97
N GLY A 462 -33.58 -18.61 -12.78
CA GLY A 462 -34.39 -19.43 -13.69
C GLY A 462 -33.58 -20.34 -14.60
N ASN A 463 -32.49 -19.80 -15.12
CA ASN A 463 -31.64 -20.63 -16.02
C ASN A 463 -30.89 -21.75 -15.27
N THR A 464 -30.52 -21.47 -14.02
CA THR A 464 -29.90 -22.48 -13.17
C THR A 464 -30.91 -23.58 -12.81
N TYR A 465 -32.12 -23.15 -12.47
CA TYR A 465 -33.27 -24.04 -12.41
C TYR A 465 -33.36 -24.97 -13.64
N ASN A 466 -33.40 -24.40 -14.82
CA ASN A 466 -33.55 -25.21 -16.05
C ASN A 466 -32.41 -26.23 -16.18
N SER A 467 -31.18 -25.85 -15.84
CA SER A 467 -30.08 -26.77 -15.98
C SER A 467 -30.17 -27.93 -14.97
N ILE A 468 -30.71 -27.63 -13.79
CA ILE A 468 -30.88 -28.63 -12.74
C ILE A 468 -31.95 -29.66 -13.19
N THR A 469 -33.05 -29.13 -13.69
CA THR A 469 -34.13 -29.97 -14.22
C THR A 469 -33.58 -30.99 -15.29
N THR A 470 -32.61 -30.59 -16.09
CA THR A 470 -32.02 -31.51 -17.08
C THR A 470 -31.16 -32.52 -16.36
N ALA A 471 -30.22 -32.04 -15.54
CA ALA A 471 -29.34 -32.93 -14.77
C ALA A 471 -30.14 -33.98 -14.00
N LEU A 472 -31.31 -33.58 -13.49
CA LEU A 472 -32.19 -34.48 -12.75
C LEU A 472 -32.80 -35.52 -13.66
N SER A 473 -33.31 -35.07 -14.81
CA SER A 473 -33.94 -35.98 -15.73
C SER A 473 -32.92 -37.02 -16.22
N ASN A 474 -31.62 -36.74 -16.16
CA ASN A 474 -30.60 -37.69 -16.63
C ASN A 474 -29.83 -38.43 -15.53
N ILE A 475 -30.49 -38.75 -14.43
CA ILE A 475 -29.88 -39.66 -13.47
C ILE A 475 -30.79 -40.87 -13.17
N PRO A 476 -30.17 -42.08 -13.02
CA PRO A 476 -30.85 -43.41 -12.96
C PRO A 476 -31.89 -43.65 -11.85
N ASN A 477 -32.97 -44.31 -12.24
CA ASN A 477 -34.02 -44.79 -11.30
C ASN A 477 -34.58 -43.71 -10.38
N ALA A 478 -34.13 -42.46 -10.56
CA ALA A 478 -34.25 -41.43 -9.51
C ALA A 478 -35.55 -40.66 -9.57
N GLN A 479 -36.66 -41.37 -9.76
CA GLN A 479 -37.95 -40.69 -9.93
C GLN A 479 -38.35 -39.88 -8.73
N SER A 480 -37.98 -40.32 -7.53
CA SER A 480 -38.43 -39.65 -6.29
C SER A 480 -37.61 -38.38 -5.96
N LEU A 481 -36.54 -38.13 -6.73
CA LEU A 481 -35.74 -36.91 -6.63
C LEU A 481 -36.10 -35.78 -7.61
N GLN A 482 -37.12 -35.97 -8.45
CA GLN A 482 -37.40 -35.03 -9.53
C GLN A 482 -38.10 -33.77 -8.99
N ASN A 483 -38.59 -33.84 -7.76
CA ASN A 483 -39.16 -32.68 -7.06
C ASN A 483 -38.09 -31.87 -6.28
N ALA A 484 -36.81 -32.14 -6.49
CA ALA A 484 -35.77 -31.43 -5.80
C ALA A 484 -35.81 -29.90 -6.00
N VAL A 485 -36.22 -29.41 -7.17
CA VAL A 485 -36.47 -27.98 -7.37
C VAL A 485 -37.87 -27.93 -7.92
N SER A 486 -38.56 -26.84 -7.72
CA SER A 486 -39.86 -26.59 -8.31
C SER A 486 -40.04 -25.09 -8.30
N LYS A 487 -41.13 -24.64 -8.95
CA LYS A 487 -41.36 -23.23 -9.15
C LYS A 487 -42.85 -22.99 -9.26
N LYS A 488 -43.27 -21.75 -9.03
CA LYS A 488 -44.67 -21.33 -9.11
C LYS A 488 -44.75 -19.91 -9.60
N ASN A 489 -45.77 -19.66 -10.41
CA ASN A 489 -46.08 -18.33 -10.91
C ASN A 489 -46.68 -17.54 -9.79
N ASN A 490 -46.32 -16.27 -9.69
CA ASN A 490 -47.04 -15.33 -8.81
C ASN A 490 -47.28 -13.98 -9.51
N PRO A 491 -48.40 -13.87 -10.24
CA PRO A 491 -48.70 -12.62 -10.95
C PRO A 491 -48.91 -11.37 -10.06
N TYR A 492 -48.99 -11.54 -8.75
CA TYR A 492 -49.32 -10.45 -7.81
C TYR A 492 -48.09 -9.79 -7.10
N SER A 493 -46.85 -10.23 -7.37
CA SER A 493 -45.73 -9.65 -6.64
C SER A 493 -45.68 -8.12 -6.84
N PRO A 494 -45.72 -7.34 -5.73
CA PRO A 494 -45.52 -5.90 -5.90
C PRO A 494 -44.08 -5.55 -6.28
N GLN A 495 -43.20 -6.56 -6.37
CA GLN A 495 -41.78 -6.36 -6.69
C GLN A 495 -41.33 -6.83 -8.06
N GLY A 496 -42.26 -7.23 -8.94
CA GLY A 496 -41.89 -7.75 -10.28
C GLY A 496 -41.40 -9.20 -10.26
N ILE A 497 -41.51 -9.84 -9.10
CA ILE A 497 -40.97 -11.19 -8.83
C ILE A 497 -42.09 -12.23 -9.07
N ASP A 498 -42.26 -12.51 -10.35
CA ASP A 498 -43.44 -13.22 -10.85
C ASP A 498 -43.25 -14.73 -10.81
N THR A 499 -42.06 -15.21 -10.45
CA THR A 499 -41.86 -16.64 -10.26
C THR A 499 -41.16 -16.94 -8.92
N ASN A 500 -41.75 -17.84 -8.11
CA ASN A 500 -41.12 -18.33 -6.88
C ASN A 500 -40.40 -19.65 -7.12
N TYR A 501 -39.18 -19.73 -6.58
CA TYR A 501 -38.30 -20.86 -6.79
C TYR A 501 -38.12 -21.56 -5.46
N TYR A 502 -38.17 -22.88 -5.49
CA TYR A 502 -38.14 -23.70 -4.29
C TYR A 502 -37.12 -24.81 -4.38
N LEU A 503 -36.66 -25.23 -3.20
CA LEU A 503 -35.75 -26.39 -3.05
C LEU A 503 -36.35 -27.42 -2.08
N ASN A 504 -36.50 -28.67 -2.51
CA ASN A 504 -37.06 -29.69 -1.62
C ASN A 504 -35.92 -30.25 -0.78
N GLN A 505 -36.04 -30.02 0.55
CA GLN A 505 -34.97 -30.30 1.46
C GLN A 505 -34.66 -31.83 1.54
N ASN A 506 -35.68 -32.67 1.58
CA ASN A 506 -35.47 -34.13 1.53
C ASN A 506 -34.64 -34.62 0.35
N SER A 507 -35.09 -34.23 -0.85
CA SER A 507 -34.42 -34.67 -2.08
C SER A 507 -33.02 -34.18 -2.08
N TYR A 508 -32.83 -32.90 -1.68
CA TYR A 508 -31.50 -32.33 -1.61
C TYR A 508 -30.56 -33.14 -0.72
N ASN A 509 -31.07 -33.46 0.46
CA ASN A 509 -30.28 -34.27 1.43
C ASN A 509 -29.86 -35.60 0.86
N GLN A 510 -30.83 -36.31 0.30
CA GLN A 510 -30.55 -37.59 -0.33
C GLN A 510 -29.49 -37.42 -1.41
N ILE A 511 -29.59 -36.34 -2.20
CA ILE A 511 -28.68 -36.13 -3.30
C ILE A 511 -27.28 -35.91 -2.74
N GLN A 512 -27.25 -35.16 -1.64
CA GLN A 512 -25.99 -34.87 -0.99
C GLN A 512 -25.32 -36.16 -0.45
N THR A 513 -26.12 -37.05 0.13
CA THR A 513 -25.62 -38.32 0.70
C THR A 513 -25.02 -39.15 -0.43
N ILE A 514 -25.87 -39.42 -1.42
CA ILE A 514 -25.47 -40.20 -2.56
C ILE A 514 -24.15 -39.66 -3.12
N ASN A 515 -24.04 -38.35 -3.22
CA ASN A 515 -22.84 -37.77 -3.80
C ASN A 515 -21.60 -38.03 -2.94
N GLN A 516 -21.75 -37.92 -1.61
CA GLN A 516 -20.63 -38.15 -0.67
C GLN A 516 -20.22 -39.62 -0.80
N GLU A 517 -21.21 -40.51 -0.72
CA GLU A 517 -20.99 -41.97 -0.76
C GLU A 517 -20.24 -42.52 -1.99
N LEU A 518 -19.87 -41.66 -2.94
CA LEU A 518 -18.83 -42.02 -3.90
C LEU A 518 -17.59 -41.16 -3.66
N LYS A 519 -16.43 -41.76 -3.33
CA LYS A 519 -16.20 -43.21 -3.22
C LYS A 519 -16.86 -43.79 -1.97
C1 GAL B . 42.52 25.43 5.50
C2 GAL B . 41.22 26.22 5.58
C3 GAL B . 40.71 26.89 4.29
C4 GAL B . 41.69 26.92 3.07
C5 GAL B . 43.02 26.12 3.24
C6 GAL B . 44.18 26.66 2.37
O1 GAL B . 43.01 25.18 6.82
O2 GAL B . 40.30 25.17 5.64
O3 GAL B . 40.03 28.04 4.78
O4 GAL B . 41.84 28.21 2.54
O5 GAL B . 43.38 26.12 4.61
O6 GAL B . 44.95 25.58 1.88
C1 NAG B . 39.31 29.06 4.02
C2 NAG B . 38.29 28.72 2.91
C3 NAG B . 37.65 29.99 2.40
C4 NAG B . 37.15 30.87 3.56
C5 NAG B . 38.28 31.12 4.56
C6 NAG B . 37.82 32.03 5.71
C7 NAG B . 38.55 26.68 1.61
C8 NAG B . 39.14 26.00 0.39
N2 NAG B . 38.79 27.99 1.75
O3 NAG B . 36.60 29.71 1.53
O4 NAG B . 36.85 32.11 3.00
O5 NAG B . 38.66 29.84 5.05
O6 NAG B . 37.21 31.22 6.68
O7 NAG B . 37.87 26.03 2.44
C1 GAL B . 36.89 30.03 0.17
C2 GAL B . 35.74 29.46 -0.68
C3 GAL B . 35.92 29.83 -2.13
C4 GAL B . 36.15 31.36 -2.31
C5 GAL B . 37.31 31.76 -1.45
C6 GAL B . 37.66 33.24 -1.58
O2 GAL B . 35.64 28.04 -0.52
O3 GAL B . 34.73 29.49 -2.77
O4 GAL B . 35.06 32.10 -1.83
O5 GAL B . 37.03 31.43 -0.09
O6 GAL B . 38.81 33.34 -0.77
C1 FUC B . 34.27 27.61 -0.31
C2 FUC B . 34.10 26.12 -0.55
C3 FUC B . 34.83 25.30 0.50
C4 FUC B . 34.36 25.72 1.91
C5 FUC B . 34.53 27.24 2.01
C6 FUC B . 34.06 27.77 3.37
O2 FUC B . 34.53 25.74 -1.85
O3 FUC B . 34.62 23.92 0.29
O4 FUC B . 33.01 25.33 2.16
O5 FUC B . 33.83 27.91 1.00
C1 FUC B . 35.56 32.70 3.27
C2 FUC B . 35.60 34.25 3.22
C3 FUC B . 35.58 34.52 1.72
C4 FUC B . 34.27 33.89 1.18
C5 FUC B . 34.09 32.37 1.53
C6 FUC B . 32.78 31.76 0.99
O2 FUC B . 36.80 34.74 3.75
O3 FUC B . 35.67 35.88 1.37
O4 FUC B . 33.26 34.65 1.76
O5 FUC B . 34.28 32.15 2.93
#